data_6SM2
#
_entry.id   6SM2
#
_cell.length_a   127.320
_cell.length_b   127.320
_cell.length_c   81.760
_cell.angle_alpha   90.000
_cell.angle_beta   90.000
_cell.angle_gamma   120.000
#
_symmetry.space_group_name_H-M   'P 61 2 2'
#
loop_
_entity.id
_entity.type
_entity.pdbx_description
1 polymer Pat-1
2 water water
#
_entity_poly.entity_id   1
_entity_poly.type   'polypeptide(L)'
_entity_poly.pdbx_seq_one_letter_code
;QSALTQPASVSGSLGQSITISCTGSSNDFGDYNYVSWYQQHPGKAPKLMIYDVDNRPSGVSNRFSGSKSGNTASLTISGV
LAEDEADYFCSSYTSSSTLYVFGSGTKVTVLG
;
_entity_poly.pdbx_strand_id   A,B
#
# COMPACT_ATOMS: atom_id res chain seq x y z
N ALA A 3 6.36 -8.96 -11.20
CA ALA A 3 6.84 -7.54 -11.07
C ALA A 3 5.98 -6.61 -11.93
N LEU A 4 5.18 -5.75 -11.29
CA LEU A 4 4.43 -4.65 -11.96
C LEU A 4 5.35 -3.42 -12.08
N THR A 5 5.74 -3.06 -13.31
CA THR A 5 6.67 -1.95 -13.60
C THR A 5 5.88 -0.68 -13.92
N GLN A 6 6.23 0.43 -13.26
CA GLN A 6 5.74 1.80 -13.57
C GLN A 6 6.94 2.66 -13.95
N PRO A 7 6.72 3.81 -14.64
CA PRO A 7 7.79 4.79 -14.83
C PRO A 7 8.15 5.42 -13.48
N ALA A 8 9.45 5.65 -13.25
CA ALA A 8 9.99 6.20 -11.99
C ALA A 8 9.26 7.50 -11.64
N SER A 9 9.17 8.42 -12.60
CA SER A 9 8.57 9.77 -12.39
C SER A 9 7.85 10.24 -13.67
N VAL A 10 6.81 11.06 -13.47
CA VAL A 10 6.18 11.88 -14.54
C VAL A 10 5.82 13.24 -13.94
N SER A 11 5.96 14.31 -14.73
CA SER A 11 5.65 15.70 -14.34
C SER A 11 4.52 16.23 -15.23
N GLY A 12 3.68 17.11 -14.68
CA GLY A 12 2.57 17.77 -15.40
C GLY A 12 2.26 19.13 -14.82
N SER A 13 1.80 20.06 -15.67
CA SER A 13 1.37 21.42 -15.25
C SER A 13 -0.08 21.37 -14.77
N LEU A 14 -0.46 22.37 -13.95
CA LEU A 14 -1.84 22.54 -13.43
C LEU A 14 -2.82 22.53 -14.61
N GLY A 15 -3.89 21.73 -14.52
CA GLY A 15 -4.96 21.67 -15.52
C GLY A 15 -4.67 20.71 -16.66
N GLN A 16 -3.41 20.27 -16.82
CA GLN A 16 -3.02 19.28 -17.85
C GLN A 16 -3.48 17.88 -17.42
N SER A 17 -3.25 16.89 -18.28
CA SER A 17 -3.66 15.47 -18.11
C SER A 17 -2.41 14.57 -18.10
N ILE A 18 -2.23 13.77 -17.05
CA ILE A 18 -1.04 12.86 -16.93
C ILE A 18 -1.53 11.40 -16.88
N THR A 19 -0.77 10.51 -17.52
CA THR A 19 -1.05 9.05 -17.59
C THR A 19 0.13 8.28 -16.97
N ILE A 20 -0.18 7.44 -15.99
CA ILE A 20 0.80 6.53 -15.33
C ILE A 20 0.50 5.10 -15.81
N SER A 21 1.46 4.47 -16.48
CA SER A 21 1.40 3.09 -17.01
C SER A 21 1.88 2.09 -15.95
N CYS A 22 1.37 0.86 -16.01
CA CYS A 22 1.66 -0.24 -15.07
C CYS A 22 1.75 -1.54 -15.88
N THR A 23 2.97 -2.01 -16.19
CA THR A 23 3.25 -3.15 -17.10
C THR A 23 3.61 -4.41 -16.28
N GLY A 24 3.06 -5.57 -16.68
CA GLY A 24 3.32 -6.88 -16.05
C GLY A 24 3.73 -7.93 -17.08
N SER A 25 4.44 -8.97 -16.63
CA SER A 25 5.00 -10.07 -17.46
C SER A 25 3.93 -11.12 -17.76
N SER A 26 3.27 -11.65 -16.71
CA SER A 26 2.28 -12.76 -16.80
C SER A 26 0.97 -12.25 -17.39
N ASN A 27 0.06 -13.19 -17.71
CA ASN A 27 -1.23 -12.92 -18.40
C ASN A 27 -2.40 -13.11 -17.42
N ASP A 28 -2.13 -13.46 -16.16
CA ASP A 28 -3.17 -13.72 -15.12
C ASP A 28 -3.99 -12.44 -14.87
N PHE A 29 -3.32 -11.35 -14.49
CA PHE A 29 -3.95 -10.02 -14.25
C PHE A 29 -4.40 -9.44 -15.60
N GLY A 30 -3.60 -9.64 -16.66
CA GLY A 30 -3.82 -9.10 -18.01
C GLY A 30 -5.05 -9.68 -18.69
N ASP A 31 -5.56 -10.81 -18.18
CA ASP A 31 -6.79 -11.49 -18.67
C ASP A 31 -8.00 -11.11 -17.82
N TYR A 32 -7.81 -10.86 -16.51
CA TYR A 32 -8.89 -10.91 -15.48
C TYR A 32 -9.15 -9.55 -14.81
N ASN A 33 -8.34 -8.52 -15.07
CA ASN A 33 -8.65 -7.11 -14.69
C ASN A 33 -8.73 -6.93 -13.16
N TYR A 34 -7.69 -7.33 -12.41
CA TYR A 34 -7.65 -7.26 -10.92
C TYR A 34 -6.70 -6.18 -10.43
N VAL A 35 -6.52 -5.11 -11.21
CA VAL A 35 -5.57 -3.99 -10.95
C VAL A 35 -6.26 -2.93 -10.09
N SER A 36 -5.50 -2.33 -9.18
CA SER A 36 -5.93 -1.25 -8.26
C SER A 36 -4.87 -0.14 -8.25
N TRP A 37 -5.26 1.09 -7.91
CA TRP A 37 -4.35 2.28 -7.89
C TRP A 37 -4.45 2.98 -6.53
N TYR A 38 -3.30 3.22 -5.91
CA TYR A 38 -3.18 3.93 -4.62
C TYR A 38 -2.43 5.26 -4.83
N GLN A 39 -2.94 6.33 -4.22
CA GLN A 39 -2.29 7.65 -4.09
C GLN A 39 -1.69 7.76 -2.68
N GLN A 40 -0.37 7.93 -2.59
CA GLN A 40 0.35 8.10 -1.29
C GLN A 40 1.01 9.47 -1.24
N HIS A 41 0.49 10.36 -0.40
CA HIS A 41 1.17 11.63 -0.02
C HIS A 41 2.40 11.25 0.80
N PRO A 42 3.52 12.00 0.69
CA PRO A 42 4.79 11.57 1.28
C PRO A 42 4.68 11.35 2.80
N GLY A 43 4.78 10.09 3.23
CA GLY A 43 4.75 9.69 4.65
C GLY A 43 3.43 9.04 5.04
N LYS A 44 2.31 9.56 4.53
CA LYS A 44 0.93 9.17 4.92
C LYS A 44 0.57 7.78 4.35
N ALA A 45 -0.64 7.30 4.67
CA ALA A 45 -1.20 5.99 4.24
C ALA A 45 -1.52 6.04 2.75
N PRO A 46 -1.22 4.97 1.97
CA PRO A 46 -1.76 4.83 0.62
C PRO A 46 -3.30 4.80 0.63
N LYS A 47 -3.91 5.79 -0.03
CA LYS A 47 -5.38 5.93 -0.24
C LYS A 47 -5.74 5.23 -1.55
N LEU A 48 -6.81 4.45 -1.55
CA LEU A 48 -7.33 3.73 -2.75
C LEU A 48 -8.08 4.73 -3.63
N MET A 49 -7.61 4.94 -4.87
CA MET A 49 -8.22 5.86 -5.86
C MET A 49 -9.04 5.05 -6.88
N ILE A 50 -8.51 3.91 -7.33
CA ILE A 50 -9.15 3.02 -8.35
C ILE A 50 -9.00 1.56 -7.90
N TYR A 51 -10.04 0.74 -8.11
CA TYR A 51 -10.02 -0.74 -7.91
C TYR A 51 -10.75 -1.43 -9.06
N ASP A 52 -10.36 -2.68 -9.34
CA ASP A 52 -10.86 -3.48 -10.50
C ASP A 52 -10.78 -2.62 -11.76
N VAL A 53 -9.57 -2.12 -12.07
CA VAL A 53 -9.18 -1.41 -13.33
C VAL A 53 -9.75 0.02 -13.35
N ASP A 54 -11.07 0.20 -13.19
CA ASP A 54 -11.75 1.47 -13.56
C ASP A 54 -12.94 1.79 -12.63
N ASN A 55 -12.87 1.47 -11.34
CA ASN A 55 -13.94 1.83 -10.36
C ASN A 55 -13.35 2.74 -9.28
N ARG A 56 -14.04 3.85 -8.99
CA ARG A 56 -13.67 4.83 -7.94
C ARG A 56 -14.47 4.56 -6.67
N PRO A 57 -13.82 4.43 -5.50
CA PRO A 57 -14.52 4.53 -4.22
C PRO A 57 -15.22 5.88 -4.07
N SER A 58 -16.24 5.93 -3.21
CA SER A 58 -17.06 7.14 -2.90
C SER A 58 -16.14 8.22 -2.30
N GLY A 59 -16.17 9.43 -2.86
CA GLY A 59 -15.43 10.61 -2.35
C GLY A 59 -14.16 10.88 -3.13
N VAL A 60 -13.84 10.08 -4.16
CA VAL A 60 -12.67 10.27 -5.04
C VAL A 60 -13.11 11.08 -6.27
N SER A 61 -12.36 12.14 -6.61
CA SER A 61 -12.56 12.99 -7.82
C SER A 61 -12.70 12.08 -9.06
N ASN A 62 -13.65 12.38 -9.93
CA ASN A 62 -13.80 11.74 -11.27
C ASN A 62 -12.64 12.16 -12.17
N ARG A 63 -11.82 13.13 -11.73
CA ARG A 63 -10.55 13.55 -12.38
C ARG A 63 -9.63 12.34 -12.54
N PHE A 64 -9.61 11.45 -11.54
CA PHE A 64 -8.89 10.15 -11.57
C PHE A 64 -9.79 9.12 -12.26
N SER A 65 -9.23 8.38 -13.22
CA SER A 65 -9.92 7.29 -13.95
C SER A 65 -8.88 6.27 -14.40
N GLY A 66 -9.25 4.99 -14.37
CA GLY A 66 -8.37 3.88 -14.75
C GLY A 66 -8.88 3.20 -16.00
N SER A 67 -7.96 2.68 -16.83
CA SER A 67 -8.25 1.84 -18.01
C SER A 67 -7.25 0.68 -18.04
N LYS A 68 -7.32 -0.14 -19.09
CA LYS A 68 -6.42 -1.32 -19.27
C LYS A 68 -6.48 -1.81 -20.72
N SER A 69 -5.37 -2.35 -21.21
CA SER A 69 -5.17 -2.83 -22.60
C SER A 69 -4.16 -3.97 -22.61
N GLY A 70 -4.61 -5.18 -22.25
CA GLY A 70 -3.78 -6.40 -22.17
C GLY A 70 -2.75 -6.31 -21.05
N ASN A 71 -1.48 -6.16 -21.41
CA ASN A 71 -0.31 -6.29 -20.50
C ASN A 71 -0.15 -5.05 -19.61
N THR A 72 -0.71 -3.91 -20.00
CA THR A 72 -0.52 -2.62 -19.27
C THR A 72 -1.88 -2.05 -18.82
N ALA A 73 -1.95 -1.63 -17.55
CA ALA A 73 -3.02 -0.76 -17.01
C ALA A 73 -2.52 0.69 -17.00
N SER A 74 -3.44 1.63 -16.85
CA SER A 74 -3.16 3.09 -16.94
C SER A 74 -4.07 3.85 -15.97
N LEU A 75 -3.47 4.69 -15.12
CA LEU A 75 -4.18 5.72 -14.34
C LEU A 75 -3.99 7.07 -15.05
N THR A 76 -5.07 7.68 -15.51
CA THR A 76 -5.07 9.05 -16.10
C THR A 76 -5.64 10.01 -15.05
N ILE A 77 -4.90 11.08 -14.77
CA ILE A 77 -5.36 12.22 -13.91
C ILE A 77 -5.56 13.41 -14.84
N SER A 78 -6.81 13.84 -15.03
CA SER A 78 -7.18 15.03 -15.84
C SER A 78 -7.40 16.22 -14.90
N GLY A 79 -7.25 17.44 -15.41
CA GLY A 79 -7.42 18.71 -14.67
C GLY A 79 -6.55 18.73 -13.41
N VAL A 80 -5.25 18.42 -13.58
CA VAL A 80 -4.27 18.21 -12.47
C VAL A 80 -4.26 19.44 -11.56
N LEU A 81 -4.46 19.20 -10.25
CA LEU A 81 -4.37 20.22 -9.17
C LEU A 81 -3.05 20.03 -8.40
N ALA A 82 -2.74 20.95 -7.49
CA ALA A 82 -1.51 20.95 -6.67
C ALA A 82 -1.47 19.69 -5.78
N GLU A 83 -2.61 19.26 -5.24
CA GLU A 83 -2.71 18.17 -4.23
C GLU A 83 -2.61 16.79 -4.90
N ASP A 84 -2.44 16.72 -6.23
CA ASP A 84 -2.20 15.47 -6.99
C ASP A 84 -0.72 15.11 -6.96
N GLU A 85 0.15 16.06 -6.60
CA GLU A 85 1.59 15.79 -6.34
C GLU A 85 1.66 14.75 -5.22
N ALA A 86 2.10 13.53 -5.56
CA ALA A 86 2.14 12.34 -4.66
C ALA A 86 2.82 11.16 -5.36
N ASP A 87 3.04 10.07 -4.63
CA ASP A 87 3.49 8.77 -5.18
C ASP A 87 2.23 7.96 -5.55
N TYR A 88 2.28 7.28 -6.71
CA TYR A 88 1.16 6.47 -7.23
C TYR A 88 1.67 5.04 -7.47
N PHE A 89 0.93 4.07 -6.93
CA PHE A 89 1.25 2.62 -7.03
C PHE A 89 0.04 1.88 -7.61
N CYS A 90 0.28 1.08 -8.65
CA CYS A 90 -0.67 0.03 -9.11
C CYS A 90 -0.43 -1.23 -8.27
N SER A 91 -1.41 -2.13 -8.25
CA SER A 91 -1.38 -3.37 -7.45
C SER A 91 -2.40 -4.36 -8.00
N SER A 92 -1.98 -5.61 -8.21
CA SER A 92 -2.85 -6.78 -8.48
C SER A 92 -2.67 -7.80 -7.36
N TYR A 93 -3.40 -8.91 -7.41
CA TYR A 93 -3.36 -10.00 -6.41
C TYR A 93 -2.14 -10.89 -6.66
N THR A 94 -1.51 -11.39 -5.58
CA THR A 94 -0.50 -12.47 -5.60
C THR A 94 -1.19 -13.75 -6.09
N SER A 95 -0.48 -14.60 -6.85
CA SER A 95 -1.02 -15.84 -7.47
C SER A 95 -1.83 -16.65 -6.45
N SER A 96 -3.11 -16.91 -6.75
CA SER A 96 -4.00 -17.85 -6.00
C SER A 96 -4.40 -17.27 -4.64
N SER A 97 -4.25 -15.95 -4.45
CA SER A 97 -4.57 -15.23 -3.18
C SER A 97 -5.40 -13.97 -3.48
N THR A 98 -5.77 -13.25 -2.42
CA THR A 98 -6.47 -11.95 -2.46
C THR A 98 -5.53 -10.84 -1.97
N LEU A 99 -4.27 -11.15 -1.66
CA LEU A 99 -3.27 -10.21 -1.09
C LEU A 99 -2.71 -9.35 -2.23
N TYR A 100 -2.54 -8.05 -2.00
CA TYR A 100 -2.02 -7.07 -2.98
C TYR A 100 -0.48 -7.16 -3.02
N VAL A 101 0.07 -7.31 -4.22
CA VAL A 101 1.51 -7.05 -4.55
C VAL A 101 1.57 -5.75 -5.35
N PHE A 102 2.56 -4.88 -5.06
CA PHE A 102 2.58 -3.46 -5.50
C PHE A 102 3.57 -3.25 -6.64
N GLY A 103 3.22 -2.34 -7.55
CA GLY A 103 4.09 -1.85 -8.64
C GLY A 103 5.20 -0.97 -8.10
N SER A 104 6.25 -0.75 -8.92
CA SER A 104 7.51 -0.04 -8.58
C SER A 104 7.22 1.40 -8.11
N GLY A 105 6.09 1.97 -8.54
CA GLY A 105 5.61 3.28 -8.06
C GLY A 105 6.11 4.42 -8.93
N THR A 106 5.27 5.45 -9.09
CA THR A 106 5.53 6.65 -9.94
C THR A 106 5.44 7.89 -9.05
N LYS A 107 6.52 8.67 -8.98
CA LYS A 107 6.53 10.02 -8.35
C LYS A 107 5.92 11.00 -9.36
N VAL A 108 4.83 11.67 -8.97
CA VAL A 108 4.12 12.69 -9.78
C VAL A 108 4.38 14.08 -9.17
N THR A 109 5.09 14.94 -9.90
CA THR A 109 5.32 16.36 -9.51
C THR A 109 4.36 17.24 -10.32
N VAL A 110 3.65 18.13 -9.64
CA VAL A 110 2.72 19.12 -10.25
C VAL A 110 3.46 20.46 -10.37
N LEU A 111 3.50 21.02 -11.59
CA LEU A 111 4.13 22.33 -11.90
C LEU A 111 3.03 23.33 -12.29
N ALA B 3 -11.10 3.15 9.54
CA ALA B 3 -9.67 3.60 9.69
C ALA B 3 -8.93 2.69 10.68
N LEU B 4 -7.72 2.26 10.30
CA LEU B 4 -6.74 1.59 11.21
C LEU B 4 -5.71 2.63 11.66
N THR B 5 -5.68 2.94 12.97
CA THR B 5 -4.81 4.00 13.55
C THR B 5 -3.58 3.36 14.20
N GLN B 6 -2.39 3.81 13.79
CA GLN B 6 -1.07 3.35 14.29
C GLN B 6 -0.37 4.50 15.01
N PRO B 7 0.61 4.23 15.88
CA PRO B 7 1.46 5.30 16.42
C PRO B 7 2.24 5.96 15.29
N ALA B 8 2.28 7.30 15.29
CA ALA B 8 2.91 8.13 14.24
C ALA B 8 4.34 7.63 13.99
N SER B 9 5.11 7.41 15.04
CA SER B 9 6.53 6.96 14.93
C SER B 9 6.93 6.12 16.16
N VAL B 10 7.97 5.31 15.96
CA VAL B 10 8.62 4.47 17.00
C VAL B 10 10.12 4.41 16.68
N SER B 11 10.96 4.43 17.71
CA SER B 11 12.44 4.32 17.60
C SER B 11 12.94 3.15 18.44
N GLY B 12 14.00 2.48 17.98
CA GLY B 12 14.69 1.40 18.71
C GLY B 12 16.13 1.30 18.31
N SER B 13 17.00 0.87 19.23
CA SER B 13 18.44 0.67 19.00
C SER B 13 18.66 -0.70 18.34
N LEU B 14 19.82 -0.91 17.72
CA LEU B 14 20.18 -2.16 16.99
C LEU B 14 20.15 -3.32 18.00
N GLY B 15 19.51 -4.44 17.64
CA GLY B 15 19.46 -5.65 18.46
C GLY B 15 18.24 -5.69 19.38
N GLN B 16 17.57 -4.54 19.59
CA GLN B 16 16.36 -4.43 20.44
C GLN B 16 15.14 -4.98 19.69
N SER B 17 14.00 -5.04 20.38
CA SER B 17 12.66 -5.41 19.84
C SER B 17 11.79 -4.16 19.73
N ILE B 18 11.09 -4.01 18.61
CA ILE B 18 10.11 -2.91 18.34
C ILE B 18 8.73 -3.55 18.12
N THR B 19 7.68 -2.96 18.71
CA THR B 19 6.27 -3.40 18.52
C THR B 19 5.45 -2.21 18.01
N ILE B 20 4.76 -2.41 16.89
CA ILE B 20 3.87 -1.42 16.23
C ILE B 20 2.44 -1.90 16.38
N SER B 21 1.55 -1.09 16.98
CA SER B 21 0.12 -1.40 17.21
C SER B 21 -0.73 -0.88 16.03
N CYS B 22 -1.85 -1.56 15.77
CA CYS B 22 -2.81 -1.25 14.70
C CYS B 22 -4.23 -1.45 15.24
N THR B 23 -4.87 -0.36 15.69
CA THR B 23 -6.23 -0.35 16.30
C THR B 23 -7.24 0.19 15.28
N GLY B 24 -8.38 -0.48 15.12
CA GLY B 24 -9.43 -0.09 14.17
C GLY B 24 -10.65 0.46 14.87
N SER B 25 -11.35 1.41 14.22
CA SER B 25 -12.61 2.04 14.69
C SER B 25 -13.68 0.95 14.86
N SER B 26 -14.28 0.86 16.05
CA SER B 26 -15.40 -0.06 16.37
C SER B 26 -15.03 -1.49 15.96
N ASN B 27 -15.94 -2.20 15.29
CA ASN B 27 -15.72 -3.59 14.78
C ASN B 27 -16.02 -3.61 13.28
N ASP B 28 -15.30 -2.77 12.52
CA ASP B 28 -15.47 -2.58 11.05
C ASP B 28 -14.53 -3.52 10.28
N PHE B 29 -13.69 -4.32 10.96
CA PHE B 29 -12.59 -5.10 10.33
C PHE B 29 -12.67 -6.59 10.72
N GLY B 30 -13.89 -7.13 10.86
CA GLY B 30 -14.14 -8.57 11.06
C GLY B 30 -13.15 -9.20 12.03
N ASP B 31 -13.07 -8.66 13.25
CA ASP B 31 -12.27 -9.20 14.39
C ASP B 31 -10.78 -9.29 14.03
N TYR B 32 -10.33 -8.54 13.01
CA TYR B 32 -8.91 -8.25 12.70
C TYR B 32 -8.09 -9.53 12.46
N ASN B 33 -8.73 -10.59 11.94
CA ASN B 33 -8.08 -11.89 11.65
C ASN B 33 -7.35 -11.82 10.30
N TYR B 34 -7.63 -10.79 9.49
CA TYR B 34 -7.14 -10.65 8.09
C TYR B 34 -6.41 -9.30 7.96
N VAL B 35 -5.73 -8.90 9.03
CA VAL B 35 -4.79 -7.74 9.02
C VAL B 35 -3.46 -8.24 8.46
N SER B 36 -2.89 -7.49 7.51
CA SER B 36 -1.53 -7.70 6.95
C SER B 36 -0.64 -6.53 7.38
N TRP B 37 0.66 -6.67 7.15
CA TRP B 37 1.70 -5.66 7.49
C TRP B 37 2.62 -5.47 6.29
N TYR B 38 2.85 -4.21 5.91
CA TYR B 38 3.70 -3.81 4.76
C TYR B 38 4.86 -2.96 5.28
N GLN B 39 6.07 -3.25 4.77
CA GLN B 39 7.30 -2.44 4.97
C GLN B 39 7.51 -1.60 3.71
N GLN B 40 7.73 -0.30 3.87
CA GLN B 40 7.97 0.63 2.73
C GLN B 40 9.17 1.51 3.03
N HIS B 41 10.24 1.39 2.24
CA HIS B 41 11.35 2.37 2.16
C HIS B 41 10.86 3.59 1.37
N PRO B 42 11.42 4.79 1.59
CA PRO B 42 10.87 6.01 0.99
C PRO B 42 10.80 5.92 -0.54
N GLY B 43 9.67 6.32 -1.12
CA GLY B 43 9.44 6.36 -2.59
C GLY B 43 9.62 5.01 -3.24
N LYS B 44 9.33 3.93 -2.51
CA LYS B 44 9.56 2.53 -2.95
C LYS B 44 8.26 1.75 -2.74
N ALA B 45 8.10 0.63 -3.47
CA ALA B 45 6.91 -0.26 -3.40
C ALA B 45 6.80 -0.87 -2.01
N PRO B 46 5.64 -0.75 -1.31
CA PRO B 46 5.43 -1.47 -0.05
C PRO B 46 5.55 -2.99 -0.22
N LYS B 47 6.39 -3.63 0.61
CA LYS B 47 6.61 -5.10 0.65
C LYS B 47 5.70 -5.73 1.71
N LEU B 48 5.08 -6.86 1.40
CA LEU B 48 4.31 -7.68 2.38
C LEU B 48 5.29 -8.36 3.35
N MET B 49 5.19 -8.06 4.65
CA MET B 49 6.03 -8.66 5.73
C MET B 49 5.21 -9.73 6.47
N ILE B 50 3.96 -9.42 6.83
CA ILE B 50 3.01 -10.36 7.49
C ILE B 50 1.65 -10.28 6.79
N TYR B 51 0.95 -11.42 6.69
CA TYR B 51 -0.48 -11.49 6.27
C TYR B 51 -1.26 -12.41 7.22
N ASP B 52 -2.58 -12.18 7.31
CA ASP B 52 -3.52 -12.92 8.18
C ASP B 52 -2.96 -12.97 9.60
N VAL B 53 -2.59 -11.79 10.11
CA VAL B 53 -2.13 -11.53 11.51
C VAL B 53 -0.68 -11.99 11.69
N ASP B 54 -0.34 -13.24 11.37
CA ASP B 54 0.91 -13.89 11.85
C ASP B 54 1.63 -14.72 10.77
N ASN B 55 1.16 -14.75 9.52
CA ASN B 55 1.85 -15.54 8.45
C ASN B 55 2.99 -14.71 7.85
N ARG B 56 4.10 -15.38 7.54
CA ARG B 56 5.35 -14.76 7.02
C ARG B 56 5.59 -15.30 5.62
N PRO B 57 5.57 -14.45 4.57
CA PRO B 57 5.91 -14.89 3.21
C PRO B 57 7.34 -15.46 3.14
N SER B 58 7.58 -16.33 2.15
CA SER B 58 8.90 -16.93 1.85
C SER B 58 9.90 -15.80 1.52
N GLY B 59 11.05 -15.77 2.20
CA GLY B 59 12.11 -14.77 1.97
C GLY B 59 12.06 -13.62 2.96
N VAL B 60 11.06 -13.59 3.84
CA VAL B 60 10.93 -12.58 4.94
C VAL B 60 11.59 -13.16 6.19
N SER B 61 12.54 -12.41 6.77
CA SER B 61 13.29 -12.75 8.00
C SER B 61 12.33 -13.08 9.14
N ASN B 62 12.69 -14.03 10.01
CA ASN B 62 11.88 -14.51 11.16
C ASN B 62 11.89 -13.46 12.28
N ARG B 63 12.69 -12.39 12.16
CA ARG B 63 12.71 -11.27 13.13
C ARG B 63 11.34 -10.59 13.16
N PHE B 64 10.65 -10.54 12.01
CA PHE B 64 9.28 -10.00 11.87
C PHE B 64 8.28 -11.10 12.26
N SER B 65 7.41 -10.80 13.22
CA SER B 65 6.28 -11.67 13.65
C SER B 65 5.06 -10.78 13.95
N GLY B 66 3.87 -11.34 13.76
CA GLY B 66 2.60 -10.61 13.98
C GLY B 66 1.74 -11.34 14.98
N SER B 67 0.91 -10.58 15.71
CA SER B 67 -0.09 -11.10 16.68
C SER B 67 -1.26 -10.11 16.77
N LYS B 68 -2.33 -10.52 17.42
CA LYS B 68 -3.61 -9.76 17.50
C LYS B 68 -4.26 -10.06 18.84
N SER B 69 -4.76 -9.02 19.52
CA SER B 69 -5.60 -9.13 20.74
C SER B 69 -6.78 -8.16 20.62
N GLY B 70 -8.00 -8.69 20.55
CA GLY B 70 -9.24 -7.91 20.39
C GLY B 70 -9.22 -7.10 19.11
N ASN B 71 -9.26 -5.77 19.23
CA ASN B 71 -9.34 -4.86 18.05
C ASN B 71 -7.96 -4.22 17.78
N THR B 72 -6.89 -4.82 18.30
CA THR B 72 -5.48 -4.37 18.07
C THR B 72 -4.65 -5.51 17.48
N ALA B 73 -4.05 -5.28 16.30
CA ALA B 73 -3.02 -6.12 15.67
C ALA B 73 -1.66 -5.47 15.91
N SER B 74 -0.62 -6.29 16.06
CA SER B 74 0.74 -5.85 16.47
C SER B 74 1.80 -6.56 15.62
N LEU B 75 2.66 -5.77 14.96
CA LEU B 75 3.91 -6.23 14.31
C LEU B 75 5.06 -6.01 15.31
N THR B 76 5.83 -7.06 15.60
CA THR B 76 7.06 -6.99 16.41
C THR B 76 8.26 -7.29 15.52
N ILE B 77 9.29 -6.45 15.59
CA ILE B 77 10.57 -6.60 14.86
C ILE B 77 11.64 -6.89 15.91
N SER B 78 12.20 -8.11 15.89
CA SER B 78 13.31 -8.57 16.80
C SER B 78 14.66 -8.21 16.19
N GLY B 79 15.69 -8.12 17.02
CA GLY B 79 17.09 -7.91 16.60
C GLY B 79 17.19 -6.84 15.52
N VAL B 80 16.63 -5.66 15.82
CA VAL B 80 16.50 -4.51 14.87
C VAL B 80 17.83 -4.30 14.15
N LEU B 81 17.81 -4.30 12.82
CA LEU B 81 18.96 -3.98 11.95
C LEU B 81 18.72 -2.60 11.31
N ALA B 82 19.77 -2.01 10.75
CA ALA B 82 19.73 -0.72 10.02
C ALA B 82 18.58 -0.75 9.00
N GLU B 83 18.49 -1.82 8.20
CA GLU B 83 17.58 -1.89 7.03
C GLU B 83 16.11 -2.04 7.46
N ASP B 84 15.82 -2.14 8.75
CA ASP B 84 14.42 -2.14 9.29
C ASP B 84 13.91 -0.71 9.40
N GLU B 85 14.81 0.28 9.35
CA GLU B 85 14.43 1.72 9.26
C GLU B 85 13.58 1.88 7.99
N ALA B 86 12.27 2.11 8.17
CA ALA B 86 11.25 2.16 7.10
C ALA B 86 9.92 2.66 7.66
N ASP B 87 8.96 2.89 6.76
CA ASP B 87 7.52 3.11 7.10
C ASP B 87 6.83 1.75 7.15
N TYR B 88 5.94 1.56 8.12
CA TYR B 88 5.18 0.30 8.33
C TYR B 88 3.69 0.62 8.38
N PHE B 89 2.93 -0.04 7.52
CA PHE B 89 1.45 0.06 7.44
C PHE B 89 0.84 -1.31 7.67
N CYS B 90 -0.08 -1.40 8.64
CA CYS B 90 -1.07 -2.49 8.70
C CYS B 90 -2.14 -2.20 7.63
N SER B 91 -2.75 -3.24 7.10
CA SER B 91 -3.78 -3.14 6.04
C SER B 91 -4.78 -4.28 6.23
N SER B 92 -6.02 -4.05 5.79
CA SER B 92 -7.09 -5.09 5.77
C SER B 92 -8.22 -4.61 4.88
N TYR B 93 -8.92 -5.55 4.25
CA TYR B 93 -10.23 -5.31 3.61
C TYR B 93 -11.15 -4.66 4.65
N THR B 94 -11.88 -3.62 4.25
CA THR B 94 -13.11 -3.16 4.94
C THR B 94 -14.00 -4.39 5.14
N SER B 95 -14.99 -4.35 6.04
CA SER B 95 -15.88 -5.50 6.36
C SER B 95 -16.65 -5.97 5.12
N SER B 96 -16.86 -5.09 4.14
CA SER B 96 -17.60 -5.37 2.87
C SER B 96 -16.76 -6.18 1.89
N SER B 97 -15.44 -6.27 2.11
CA SER B 97 -14.47 -7.15 1.40
C SER B 97 -14.23 -6.65 -0.04
N THR B 98 -14.28 -5.34 -0.28
CA THR B 98 -14.03 -4.71 -1.61
C THR B 98 -12.84 -3.73 -1.48
N LEU B 99 -12.91 -2.79 -0.54
CA LEU B 99 -11.90 -1.73 -0.33
C LEU B 99 -10.80 -2.25 0.59
N TYR B 100 -9.59 -2.43 0.07
CA TYR B 100 -8.37 -2.73 0.86
C TYR B 100 -7.79 -1.39 1.35
N VAL B 101 -7.93 -1.12 2.65
CA VAL B 101 -7.57 0.18 3.29
C VAL B 101 -6.30 -0.01 4.13
N PHE B 102 -5.41 0.98 4.11
CA PHE B 102 -4.12 0.99 4.84
C PHE B 102 -4.25 1.80 6.14
N GLY B 103 -3.45 1.42 7.13
CA GLY B 103 -3.37 2.11 8.43
C GLY B 103 -2.66 3.45 8.30
N SER B 104 -2.78 4.29 9.33
CA SER B 104 -2.24 5.67 9.38
C SER B 104 -0.72 5.66 9.14
N GLY B 105 -0.05 4.57 9.49
CA GLY B 105 1.39 4.38 9.20
C GLY B 105 2.27 4.74 10.38
N THR B 106 3.38 4.02 10.53
CA THR B 106 4.38 4.16 11.62
C THR B 106 5.76 4.37 10.98
N LYS B 107 6.44 5.47 11.32
CA LYS B 107 7.84 5.73 10.91
C LYS B 107 8.75 5.08 11.95
N VAL B 108 9.42 3.98 11.57
CA VAL B 108 10.42 3.29 12.44
C VAL B 108 11.80 3.90 12.14
N THR B 109 12.38 4.58 13.14
CA THR B 109 13.78 5.08 13.12
C THR B 109 14.67 4.08 13.87
N VAL B 110 15.77 3.66 13.25
CA VAL B 110 16.79 2.75 13.87
C VAL B 110 18.04 3.58 14.23
N LEU B 111 18.45 3.54 15.49
CA LEU B 111 19.58 4.34 16.04
C LEU B 111 20.84 3.47 16.13
#